data_4DBG
#
_entry.id   4DBG
#
_cell.length_a   64.973
_cell.length_b   64.973
_cell.length_c   161.291
_cell.angle_alpha   90.00
_cell.angle_beta   90.00
_cell.angle_gamma   120.00
#
_symmetry.space_group_name_H-M   'P 31 2 1'
#
loop_
_entity.id
_entity.type
_entity.pdbx_description
1 polymer 'RanBP-type and C3HC4-type zinc finger-containing protein 1'
2 polymer 'RING finger protein 31'
3 water water
#
loop_
_entity_poly.entity_id
_entity_poly.type
_entity_poly.pdbx_seq_one_letter_code
_entity_poly.pdbx_strand_id
1 'polypeptide(L)'
;GSHMQRVPLSVQLKPEVSPTQDIRLWVSVEDAQMHTVTIWLTVRPDMTVASLKDMVFLDYGFPPVLQQWVIGQRLARDQE
TLHSHGVRQNGDSAYLYLLSARNTS
;
A
2 'polypeptide(L)'
;GPLGSRQDKMREEGLQLVSMIREGEAAGACPEEIFSALQYSGTEVPLQWLRSELPYVLEMVAELAGQQDPGLGAFSCQEA
RRAWLDRHGNLDEAVEECVRTRRRKVQELQSLGFGPEEGSLQALFQHGGDVSRALTELQRQRLEPFRQRLWDSGPEPTPS
WD
;
B
#
# COMPACT_ATOMS: atom_id res chain seq x y z
N THR A 20 -3.08 8.87 -20.36
CA THR A 20 -4.21 8.21 -19.64
C THR A 20 -3.84 7.89 -18.17
N GLN A 21 -4.75 8.29 -17.26
CA GLN A 21 -4.55 8.21 -15.81
C GLN A 21 -5.20 6.99 -15.12
N ASP A 22 -4.99 6.88 -13.80
CA ASP A 22 -5.34 5.70 -12.99
C ASP A 22 -6.81 5.38 -12.95
N ILE A 23 -7.06 4.07 -12.99
CA ILE A 23 -8.34 3.42 -13.13
C ILE A 23 -8.35 2.33 -12.08
N ARG A 24 -9.40 2.24 -11.27
CA ARG A 24 -9.68 1.07 -10.42
C ARG A 24 -10.40 -0.01 -11.20
N LEU A 25 -9.83 -1.22 -11.17
CA LEU A 25 -10.27 -2.34 -12.03
C LEU A 25 -10.76 -3.53 -11.21
N TRP A 26 -11.98 -3.98 -11.49
CA TRP A 26 -12.68 -4.98 -10.69
C TRP A 26 -12.40 -6.34 -11.27
N VAL A 27 -11.64 -7.13 -10.52
CA VAL A 27 -11.08 -8.33 -11.08
C VAL A 27 -11.63 -9.51 -10.35
N SER A 28 -12.10 -10.49 -11.13
CA SER A 28 -12.44 -11.80 -10.61
C SER A 28 -11.27 -12.76 -10.84
N VAL A 29 -10.86 -13.44 -9.77
CA VAL A 29 -9.71 -14.32 -9.81
C VAL A 29 -10.13 -15.74 -9.53
N GLU A 30 -9.80 -16.64 -10.44
CA GLU A 30 -10.11 -18.06 -10.26
C GLU A 30 -8.92 -18.92 -10.58
N ASP A 31 -8.97 -20.16 -10.11
CA ASP A 31 -8.00 -21.10 -10.55
C ASP A 31 -8.62 -22.47 -10.90
N ALA A 32 -7.75 -23.41 -11.25
CA ALA A 32 -8.12 -24.78 -11.63
C ALA A 32 -9.30 -25.37 -10.85
N GLN A 33 -9.51 -24.91 -9.63
CA GLN A 33 -10.39 -25.64 -8.73
C GLN A 33 -11.27 -24.69 -7.98
N MET A 34 -10.64 -23.65 -7.47
CA MET A 34 -11.18 -23.07 -6.26
C MET A 34 -12.53 -22.37 -6.39
N HIS A 35 -12.62 -21.28 -5.64
CA HIS A 35 -13.82 -20.50 -5.41
C HIS A 35 -13.33 -19.29 -6.19
N THR A 36 -14.22 -18.34 -6.50
CA THR A 36 -13.84 -17.06 -7.07
C THR A 36 -13.35 -16.20 -5.91
N VAL A 37 -12.54 -15.17 -6.19
CA VAL A 37 -12.39 -14.10 -5.25
C VAL A 37 -12.31 -12.82 -6.07
N THR A 38 -12.73 -11.69 -5.51
CA THR A 38 -12.66 -10.42 -6.25
C THR A 38 -11.75 -9.35 -5.60
N ILE A 39 -10.94 -8.67 -6.40
CA ILE A 39 -9.97 -7.72 -5.89
C ILE A 39 -10.07 -6.51 -6.82
N TRP A 40 -9.54 -5.39 -6.35
CA TRP A 40 -9.48 -4.17 -7.14
C TRP A 40 -8.02 -3.99 -7.45
N LEU A 41 -7.70 -3.53 -8.67
CA LEU A 41 -6.32 -3.17 -9.08
C LEU A 41 -6.28 -1.77 -9.68
N THR A 42 -5.17 -1.06 -9.53
CA THR A 42 -4.99 0.24 -10.17
C THR A 42 -4.26 0.07 -11.48
N VAL A 43 -4.87 0.57 -12.55
CA VAL A 43 -4.24 0.45 -13.85
C VAL A 43 -4.34 1.71 -14.65
N ARG A 44 -3.77 1.67 -15.85
CA ARG A 44 -3.86 2.78 -16.79
C ARG A 44 -4.38 2.13 -18.05
N PRO A 45 -5.32 2.77 -18.73
CA PRO A 45 -5.79 2.17 -19.98
C PRO A 45 -4.68 1.91 -21.02
N ASP A 46 -3.59 2.68 -20.97
CA ASP A 46 -2.50 2.48 -21.93
C ASP A 46 -1.45 1.43 -21.50
N MET A 47 -1.60 0.88 -20.31
CA MET A 47 -0.87 -0.30 -19.86
C MET A 47 -1.00 -1.52 -20.80
N THR A 48 0.10 -2.23 -21.03
CA THR A 48 0.03 -3.49 -21.76
C THR A 48 -0.40 -4.60 -20.79
N VAL A 49 -0.87 -5.73 -21.34
CA VAL A 49 -1.15 -6.90 -20.52
C VAL A 49 0.14 -7.45 -19.87
N ALA A 50 1.22 -7.54 -20.62
CA ALA A 50 2.51 -7.84 -20.04
C ALA A 50 2.77 -7.03 -18.79
N SER A 51 2.57 -5.71 -18.84
CA SER A 51 2.75 -4.85 -17.64
C SER A 51 1.72 -5.13 -16.58
N LEU A 52 0.51 -5.43 -16.98
CA LEU A 52 -0.49 -5.80 -16.00
C LEU A 52 -0.02 -7.06 -15.24
N LYS A 53 0.43 -8.06 -16.00
CA LYS A 53 0.83 -9.29 -15.39
C LYS A 53 2.01 -9.07 -14.48
N ASP A 54 2.99 -8.26 -14.90
CA ASP A 54 4.21 -8.03 -14.08
C ASP A 54 3.85 -7.46 -12.72
N MET A 55 2.87 -6.55 -12.74
CA MET A 55 2.37 -5.88 -11.54
C MET A 55 1.70 -6.86 -10.57
N VAL A 56 0.90 -7.74 -11.14
CA VAL A 56 0.28 -8.77 -10.33
C VAL A 56 1.34 -9.71 -9.73
N PHE A 57 2.33 -10.09 -10.53
CA PHE A 57 3.44 -10.86 -10.03
C PHE A 57 4.07 -10.19 -8.84
N LEU A 58 4.38 -8.90 -8.99
CA LEU A 58 5.15 -8.18 -8.01
C LEU A 58 4.41 -7.99 -6.69
N ASP A 59 3.08 -7.94 -6.75
CA ASP A 59 2.26 -7.65 -5.59
C ASP A 59 1.70 -8.85 -4.95
N TYR A 60 1.37 -9.82 -5.79
CA TYR A 60 0.64 -11.01 -5.40
C TYR A 60 1.40 -12.30 -5.66
N GLY A 61 2.48 -12.24 -6.41
CA GLY A 61 3.39 -13.39 -6.55
C GLY A 61 2.93 -14.42 -7.55
N PHE A 62 2.06 -14.02 -8.49
CA PHE A 62 1.52 -14.91 -9.52
C PHE A 62 2.33 -14.79 -10.81
N PRO A 63 3.19 -15.78 -11.13
CA PRO A 63 4.03 -15.63 -12.32
C PRO A 63 3.22 -15.21 -13.56
N PRO A 64 3.75 -14.27 -14.36
CA PRO A 64 3.02 -13.94 -15.60
C PRO A 64 2.68 -15.17 -16.42
N VAL A 65 3.58 -16.18 -16.40
CA VAL A 65 3.37 -17.39 -17.19
C VAL A 65 2.11 -18.22 -16.78
N LEU A 66 1.65 -18.04 -15.55
CA LEU A 66 0.52 -18.79 -15.02
C LEU A 66 -0.68 -17.88 -14.98
N GLN A 67 -0.58 -16.72 -15.62
CA GLN A 67 -1.71 -15.79 -15.63
C GLN A 67 -2.42 -15.85 -16.98
N GLN A 68 -3.72 -16.08 -16.95
CA GLN A 68 -4.53 -15.92 -18.16
C GLN A 68 -5.66 -14.92 -17.93
N TRP A 69 -5.76 -13.91 -18.81
CA TRP A 69 -6.67 -12.79 -18.61
C TRP A 69 -7.75 -12.73 -19.65
N VAL A 70 -8.97 -12.43 -19.24
CA VAL A 70 -10.00 -12.09 -20.22
C VAL A 70 -10.52 -10.70 -19.87
N ILE A 71 -10.52 -9.83 -20.86
CA ILE A 71 -10.87 -8.42 -20.70
C ILE A 71 -11.73 -7.99 -21.89
N GLY A 72 -12.89 -7.38 -21.60
CA GLY A 72 -13.83 -6.98 -22.65
C GLY A 72 -14.25 -8.18 -23.49
N GLN A 73 -14.46 -9.31 -22.83
CA GLN A 73 -14.99 -10.53 -23.45
C GLN A 73 -14.05 -11.17 -24.49
N ARG A 74 -12.74 -10.94 -24.36
CA ARG A 74 -11.72 -11.48 -25.26
C ARG A 74 -10.46 -11.81 -24.47
N LEU A 75 -9.76 -12.86 -24.86
CA LEU A 75 -8.53 -13.20 -24.21
C LEU A 75 -7.54 -12.08 -24.49
N ALA A 76 -6.85 -11.64 -23.44
CA ALA A 76 -5.83 -10.60 -23.54
C ALA A 76 -4.38 -11.11 -23.67
N ARG A 77 -3.73 -10.70 -24.78
CA ARG A 77 -2.33 -11.04 -25.16
C ARG A 77 -1.33 -9.98 -24.63
N ASP A 78 -0.06 -10.36 -24.54
CA ASP A 78 0.91 -9.58 -23.82
C ASP A 78 1.09 -8.16 -24.33
N GLN A 79 1.17 -7.99 -25.64
CA GLN A 79 1.48 -6.68 -26.21
C GLN A 79 0.23 -5.79 -26.39
N GLU A 80 -0.94 -6.34 -26.06
CA GLU A 80 -2.20 -5.58 -26.17
C GLU A 80 -2.37 -4.69 -24.97
N THR A 81 -2.91 -3.50 -25.23
CA THR A 81 -3.16 -2.53 -24.18
C THR A 81 -4.49 -2.86 -23.55
N LEU A 82 -4.70 -2.48 -22.30
CA LEU A 82 -6.02 -2.58 -21.71
C LEU A 82 -7.01 -1.77 -22.57
N HIS A 83 -6.60 -0.57 -23.00
CA HIS A 83 -7.40 0.26 -23.87
C HIS A 83 -7.96 -0.56 -25.02
N SER A 84 -7.14 -1.41 -25.64
CA SER A 84 -7.61 -2.13 -26.82
C SER A 84 -8.74 -3.08 -26.43
N HIS A 85 -8.80 -3.46 -25.16
CA HIS A 85 -9.89 -4.27 -24.62
C HIS A 85 -11.04 -3.41 -24.02
N GLY A 86 -11.07 -2.13 -24.39
CA GLY A 86 -12.07 -1.18 -23.98
C GLY A 86 -11.98 -0.65 -22.55
N VAL A 87 -10.94 -1.02 -21.79
CA VAL A 87 -10.79 -0.42 -20.44
C VAL A 87 -10.72 1.13 -20.50
N ARG A 88 -11.45 1.78 -19.60
CA ARG A 88 -11.70 3.22 -19.73
C ARG A 88 -12.08 3.97 -18.44
N GLN A 89 -12.70 3.29 -17.48
CA GLN A 89 -13.21 3.98 -16.28
C GLN A 89 -13.15 3.07 -15.06
N ASN A 90 -13.12 3.71 -13.88
CA ASN A 90 -13.30 3.07 -12.59
C ASN A 90 -14.48 2.17 -12.59
N GLY A 91 -14.24 0.93 -12.16
CA GLY A 91 -15.30 -0.05 -12.04
C GLY A 91 -15.47 -0.92 -13.27
N ASP A 92 -14.74 -0.63 -14.35
CA ASP A 92 -14.59 -1.60 -15.44
C ASP A 92 -14.04 -2.88 -14.81
N SER A 93 -14.33 -4.02 -15.43
CA SER A 93 -14.00 -5.32 -14.87
C SER A 93 -13.04 -6.12 -15.75
N ALA A 94 -12.44 -7.16 -15.17
CA ALA A 94 -11.55 -8.04 -15.91
C ALA A 94 -11.53 -9.42 -15.24
N TYR A 95 -11.05 -10.45 -15.92
CA TYR A 95 -11.11 -11.82 -15.39
C TYR A 95 -9.73 -12.43 -15.39
N LEU A 96 -9.27 -12.87 -14.22
CA LEU A 96 -7.97 -13.52 -14.11
C LEU A 96 -8.09 -14.95 -13.68
N TYR A 97 -7.56 -15.85 -14.51
CA TYR A 97 -7.55 -17.31 -14.26
C TYR A 97 -6.12 -17.85 -14.14
N LEU A 98 -5.90 -18.65 -13.11
CA LEU A 98 -4.56 -19.03 -12.77
C LEU A 98 -4.30 -20.49 -12.99
N LEU A 99 -3.23 -20.79 -13.73
CA LEU A 99 -2.78 -22.17 -13.97
C LEU A 99 -1.95 -22.57 -12.76
N SER A 100 -1.44 -23.79 -12.69
CA SER A 100 -0.53 -24.14 -11.61
C SER A 100 0.84 -24.65 -12.08
N ALA A 101 1.71 -24.97 -11.13
CA ALA A 101 2.81 -25.97 -11.31
C ALA A 101 2.66 -26.96 -12.47
N ASP B 8 21.64 0.49 -4.86
CA ASP B 8 22.39 1.72 -5.25
C ASP B 8 21.54 3.00 -5.13
N LYS B 9 20.30 2.93 -5.59
CA LYS B 9 19.36 4.04 -5.40
C LYS B 9 18.85 3.99 -3.96
N MET B 10 18.96 2.81 -3.38
CA MET B 10 18.57 2.63 -2.01
C MET B 10 19.59 3.14 -1.01
N ARG B 11 20.87 2.97 -1.34
CA ARG B 11 21.92 3.66 -0.62
C ARG B 11 21.68 5.17 -0.56
N GLU B 12 21.44 5.81 -1.70
CA GLU B 12 21.30 7.25 -1.75
C GLU B 12 20.09 7.77 -0.93
N GLU B 13 19.06 6.93 -0.84
CA GLU B 13 17.90 7.16 0.03
C GLU B 13 18.24 6.96 1.50
N GLY B 14 18.97 5.90 1.82
CA GLY B 14 19.52 5.69 3.16
C GLY B 14 20.34 6.88 3.66
N LEU B 15 21.27 7.35 2.83
CA LEU B 15 22.07 8.53 3.17
C LEU B 15 21.19 9.71 3.57
N GLN B 16 20.14 9.99 2.78
CA GLN B 16 19.29 11.16 3.01
C GLN B 16 18.41 10.94 4.24
N LEU B 17 17.95 9.70 4.39
CA LEU B 17 17.13 9.27 5.51
C LEU B 17 17.93 9.39 6.82
N VAL B 18 19.22 9.05 6.76
CA VAL B 18 20.10 9.05 7.91
C VAL B 18 20.50 10.48 8.25
N SER B 19 20.55 11.35 7.22
CA SER B 19 20.88 12.77 7.38
C SER B 19 19.84 13.53 8.17
N MET B 20 18.64 12.94 8.25
CA MET B 20 17.50 13.45 9.00
C MET B 20 17.65 13.42 10.52
N ILE B 21 18.86 13.19 11.02
CA ILE B 21 19.05 13.44 12.42
C ILE B 21 20.30 14.20 12.74
N ARG B 22 20.99 14.80 11.77
CA ARG B 22 22.17 15.58 12.20
C ARG B 22 21.73 16.56 13.29
N GLU B 23 22.72 17.08 14.01
CA GLU B 23 22.55 18.17 14.99
C GLU B 23 21.45 19.16 14.52
N GLY B 24 20.23 19.01 15.07
CA GLY B 24 19.13 19.92 14.78
C GLY B 24 18.81 20.10 13.30
N GLU B 25 18.41 19.00 12.68
CA GLU B 25 17.89 19.03 11.35
C GLU B 25 16.36 19.05 11.51
N ALA B 26 15.81 20.26 11.56
CA ALA B 26 14.37 20.44 11.42
C ALA B 26 13.85 19.53 10.33
N ALA B 27 13.07 18.55 10.77
CA ALA B 27 12.50 17.52 9.89
C ALA B 27 11.78 16.54 10.81
N GLY B 28 11.05 15.64 10.14
CA GLY B 28 10.27 14.67 10.83
C GLY B 28 10.87 13.32 10.57
N ALA B 29 11.96 13.01 11.25
CA ALA B 29 12.51 11.67 11.16
C ALA B 29 11.49 10.69 11.76
N CYS B 30 11.34 9.52 11.15
CA CYS B 30 10.56 8.44 11.69
C CYS B 30 11.52 7.28 12.01
N PRO B 31 11.64 6.93 13.30
CA PRO B 31 12.61 5.90 13.69
C PRO B 31 12.59 4.63 12.82
N GLU B 32 11.41 4.19 12.34
CA GLU B 32 11.37 2.94 11.57
C GLU B 32 12.13 3.02 10.32
N GLU B 33 11.93 4.11 9.59
CA GLU B 33 12.56 4.31 8.30
C GLU B 33 14.06 4.23 8.38
N ILE B 34 14.62 4.90 9.38
CA ILE B 34 16.06 4.92 9.56
C ILE B 34 16.53 3.53 9.98
N PHE B 35 15.78 2.89 10.87
CA PHE B 35 16.11 1.57 11.30
C PHE B 35 16.16 0.65 10.06
N SER B 36 15.19 0.78 9.14
CA SER B 36 15.15 -0.05 7.94
C SER B 36 16.28 0.27 6.98
N ALA B 37 16.54 1.55 6.78
CA ALA B 37 17.64 1.96 5.94
C ALA B 37 18.92 1.27 6.39
N LEU B 38 19.13 1.09 7.69
CA LEU B 38 20.37 0.43 8.12
C LEU B 38 20.39 -1.08 7.92
N GLN B 39 19.23 -1.73 8.10
CA GLN B 39 19.11 -3.18 7.93
C GLN B 39 19.41 -3.49 6.48
N TYR B 40 18.76 -2.72 5.61
CA TYR B 40 18.96 -2.84 4.18
C TYR B 40 20.46 -2.60 3.84
N SER B 41 21.09 -1.68 4.54
CA SER B 41 22.49 -1.40 4.32
C SER B 41 23.46 -2.52 4.76
N GLY B 42 23.10 -3.25 5.81
CA GLY B 42 23.98 -4.28 6.33
C GLY B 42 24.41 -4.21 7.78
N THR B 43 24.07 -3.11 8.49
CA THR B 43 24.22 -3.04 9.97
C THR B 43 22.86 -2.93 10.61
N GLU B 44 22.85 -2.30 11.77
CA GLU B 44 21.71 -2.36 12.67
C GLU B 44 22.02 -1.44 13.86
N VAL B 45 20.98 -0.75 14.33
CA VAL B 45 21.11 0.18 15.42
C VAL B 45 19.86 -0.03 16.28
N PRO B 46 19.99 -0.04 17.63
CA PRO B 46 18.77 -0.31 18.41
C PRO B 46 17.66 0.66 18.04
N LEU B 47 16.45 0.15 17.78
CA LEU B 47 15.29 0.98 17.54
C LEU B 47 14.92 1.91 18.71
N GLN B 48 15.02 1.42 19.95
CA GLN B 48 14.69 2.27 21.11
C GLN B 48 15.61 3.48 21.23
N TRP B 49 16.85 3.32 20.77
CA TRP B 49 17.82 4.37 20.92
C TRP B 49 17.52 5.54 19.97
N LEU B 50 17.11 5.22 18.74
CA LEU B 50 16.58 6.19 17.79
C LEU B 50 15.36 6.96 18.32
N ARG B 51 14.38 6.22 18.85
CA ARG B 51 13.24 6.85 19.51
C ARG B 51 13.68 7.90 20.54
N SER B 52 14.61 7.53 21.43
CA SER B 52 15.01 8.47 22.50
C SER B 52 15.89 9.62 22.03
N GLU B 53 16.58 9.43 20.90
CA GLU B 53 17.31 10.52 20.24
C GLU B 53 16.42 11.55 19.56
N LEU B 54 15.35 11.10 18.92
CA LEU B 54 14.44 12.02 18.26
C LEU B 54 13.43 12.68 19.21
N PRO B 55 12.94 13.88 18.85
CA PRO B 55 11.89 14.51 19.67
C PRO B 55 10.64 13.64 19.82
N TYR B 56 9.78 13.98 20.75
CA TYR B 56 8.47 13.36 20.89
C TYR B 56 7.44 13.85 19.84
N VAL B 57 7.71 15.00 19.23
CA VAL B 57 6.75 15.66 18.32
C VAL B 57 5.76 14.73 17.59
N LEU B 58 6.30 13.84 16.77
CA LEU B 58 5.49 13.10 15.83
C LEU B 58 4.68 12.03 16.54
N GLU B 59 5.20 11.51 17.65
CA GLU B 59 4.42 10.56 18.39
C GLU B 59 3.29 11.23 19.09
N MET B 60 3.55 12.45 19.56
CA MET B 60 2.54 13.24 20.21
C MET B 60 1.40 13.45 19.26
N VAL B 61 1.71 13.88 18.04
CA VAL B 61 0.71 14.14 17.01
C VAL B 61 -0.14 12.88 16.89
N ALA B 62 0.53 11.73 16.73
CA ALA B 62 -0.14 10.44 16.63
C ALA B 62 -1.02 10.10 17.86
N GLU B 63 -0.53 10.35 19.05
CA GLU B 63 -1.28 9.95 20.23
C GLU B 63 -2.49 10.77 20.36
N LEU B 64 -2.29 12.06 20.10
CA LEU B 64 -3.36 13.03 20.14
C LEU B 64 -4.46 12.68 19.12
N ALA B 65 -4.05 12.35 17.89
CA ALA B 65 -5.03 11.96 16.92
C ALA B 65 -5.80 10.74 17.41
N GLY B 66 -5.10 9.74 17.97
CA GLY B 66 -5.76 8.55 18.51
C GLY B 66 -6.71 8.84 19.65
N GLN B 67 -6.40 9.88 20.43
CA GLN B 67 -7.24 10.32 21.57
C GLN B 67 -8.52 10.92 21.08
N GLN B 68 -8.39 11.68 19.98
CA GLN B 68 -9.50 12.43 19.40
C GLN B 68 -10.54 11.52 18.74
N ASP B 69 -10.13 10.36 18.21
CA ASP B 69 -11.07 9.36 17.65
C ASP B 69 -10.46 7.96 17.73
N PRO B 70 -10.74 7.23 18.83
CA PRO B 70 -10.20 5.88 18.98
C PRO B 70 -10.84 4.92 17.99
N GLY B 71 -11.93 5.35 17.37
CA GLY B 71 -12.57 4.57 16.34
C GLY B 71 -11.67 4.44 15.13
N LEU B 72 -10.66 5.29 14.97
CA LEU B 72 -9.76 5.20 13.82
C LEU B 72 -8.44 4.42 14.01
N GLY B 73 -8.25 3.77 15.16
CA GLY B 73 -7.09 2.93 15.35
C GLY B 73 -5.81 3.75 15.49
N ALA B 74 -4.65 3.09 15.39
CA ALA B 74 -3.39 3.73 15.64
C ALA B 74 -2.89 4.54 14.41
N PHE B 75 -2.31 5.72 14.65
CA PHE B 75 -1.79 6.55 13.55
C PHE B 75 -0.30 6.25 13.33
N SER B 76 0.13 6.28 12.08
CA SER B 76 1.50 5.99 11.77
C SER B 76 2.33 7.27 11.81
N CYS B 77 3.63 7.08 11.96
CA CYS B 77 4.57 8.15 11.93
C CYS B 77 4.47 8.89 10.60
N GLN B 78 4.26 8.15 9.51
CA GLN B 78 4.24 8.83 8.23
C GLN B 78 3.02 9.75 8.13
N GLU B 79 1.88 9.30 8.68
CA GLU B 79 0.66 10.11 8.66
C GLU B 79 0.80 11.30 9.57
N ALA B 80 1.45 11.10 10.73
CA ALA B 80 1.72 12.21 11.64
C ALA B 80 2.59 13.28 10.96
N ARG B 81 3.72 12.85 10.39
CA ARG B 81 4.64 13.73 9.73
C ARG B 81 3.93 14.50 8.62
N ARG B 82 3.17 13.78 7.79
CA ARG B 82 2.44 14.41 6.71
C ARG B 82 1.68 15.62 7.22
N ALA B 83 0.81 15.42 8.21
CA ALA B 83 -0.04 16.51 8.74
C ALA B 83 0.80 17.60 9.36
N TRP B 84 1.92 17.17 9.94
CA TRP B 84 2.77 18.07 10.64
C TRP B 84 3.41 19.08 9.67
N LEU B 85 3.95 18.55 8.58
CA LEU B 85 4.57 19.34 7.58
C LEU B 85 3.56 20.23 6.95
N ASP B 86 2.39 19.66 6.61
CA ASP B 86 1.35 20.43 5.90
C ASP B 86 0.93 21.64 6.73
N ARG B 87 0.98 21.52 8.04
CA ARG B 87 0.60 22.64 8.91
C ARG B 87 1.79 23.46 9.45
N HIS B 88 2.90 23.37 8.72
CA HIS B 88 4.12 24.15 8.94
C HIS B 88 4.60 24.08 10.41
N GLY B 89 4.70 22.86 10.94
CA GLY B 89 5.06 22.70 12.31
C GLY B 89 3.99 23.11 13.32
N ASN B 90 2.81 23.57 12.89
CA ASN B 90 1.80 23.96 13.89
C ASN B 90 1.10 22.78 14.49
N LEU B 91 1.40 22.46 15.74
CA LEU B 91 0.97 21.18 16.36
C LEU B 91 -0.54 20.93 16.63
N ASP B 92 -1.30 21.92 17.08
CA ASP B 92 -2.72 21.65 17.22
C ASP B 92 -3.35 21.47 15.83
N GLU B 93 -2.78 22.13 14.82
CA GLU B 93 -3.29 21.98 13.42
C GLU B 93 -2.92 20.61 12.80
N ALA B 94 -1.75 20.10 13.15
CA ALA B 94 -1.38 18.78 12.65
C ALA B 94 -2.39 17.74 13.14
N VAL B 95 -2.78 17.81 14.42
CA VAL B 95 -3.69 16.79 14.95
C VAL B 95 -4.95 16.80 14.13
N GLU B 96 -5.54 17.97 13.98
CA GLU B 96 -6.82 18.06 13.32
C GLU B 96 -6.78 17.53 11.87
N GLU B 97 -5.71 17.81 11.15
CA GLU B 97 -5.62 17.36 9.77
C GLU B 97 -5.24 15.89 9.67
N CYS B 98 -4.47 15.42 10.66
CA CYS B 98 -4.09 14.05 10.74
C CYS B 98 -5.30 13.14 10.89
N VAL B 99 -6.23 13.55 11.73
CA VAL B 99 -7.52 12.86 11.90
C VAL B 99 -8.33 12.94 10.60
N ARG B 100 -8.50 14.15 10.06
CA ARG B 100 -9.24 14.39 8.82
C ARG B 100 -8.73 13.43 7.71
N THR B 101 -7.41 13.43 7.46
CA THR B 101 -6.82 12.59 6.44
C THR B 101 -7.08 11.12 6.71
N ARG B 102 -6.88 10.65 7.94
CA ARG B 102 -7.19 9.25 8.26
C ARG B 102 -8.67 8.82 8.08
N ARG B 103 -9.62 9.63 8.55
CA ARG B 103 -11.08 9.35 8.40
C ARG B 103 -11.45 9.07 6.96
N ARG B 104 -11.00 9.98 6.08
CA ARG B 104 -11.29 9.92 4.66
C ARG B 104 -10.83 8.58 4.14
N LYS B 105 -9.65 8.15 4.61
CA LYS B 105 -9.05 6.93 4.14
C LYS B 105 -9.76 5.68 4.60
N VAL B 106 -10.30 5.71 5.82
CA VAL B 106 -10.95 4.53 6.37
C VAL B 106 -12.17 4.10 5.55
N GLN B 107 -12.83 5.08 4.92
CA GLN B 107 -14.06 4.82 4.18
C GLN B 107 -13.78 4.57 2.71
N GLU B 108 -12.64 5.05 2.24
CA GLU B 108 -12.11 4.59 0.97
C GLU B 108 -11.86 3.08 1.02
N LEU B 109 -11.14 2.62 2.03
CA LEU B 109 -10.98 1.19 2.20
C LEU B 109 -12.32 0.53 2.44
N GLN B 110 -13.19 1.17 3.20
CA GLN B 110 -14.52 0.61 3.42
C GLN B 110 -15.20 0.42 2.06
N SER B 111 -15.24 1.48 1.27
CA SER B 111 -15.93 1.43 -0.02
C SER B 111 -15.19 0.57 -1.07
N LEU B 112 -14.00 0.09 -0.74
CA LEU B 112 -13.26 -0.87 -1.57
C LEU B 112 -13.36 -2.24 -0.92
N GLY B 113 -14.25 -2.34 0.06
CA GLY B 113 -14.59 -3.61 0.69
C GLY B 113 -13.77 -3.99 1.91
N PHE B 114 -13.28 -3.00 2.66
CA PHE B 114 -12.49 -3.25 3.86
C PHE B 114 -12.76 -2.23 4.96
N GLY B 115 -13.64 -2.56 5.90
CA GLY B 115 -13.88 -1.68 7.02
C GLY B 115 -13.01 -2.12 8.16
N PRO B 116 -13.13 -1.46 9.33
CA PRO B 116 -12.26 -1.72 10.46
C PRO B 116 -12.33 -3.17 10.91
N GLU B 117 -13.49 -3.77 10.78
CA GLU B 117 -13.71 -5.13 11.25
C GLU B 117 -12.97 -6.18 10.41
N GLU B 118 -12.39 -5.71 9.30
CA GLU B 118 -11.69 -6.57 8.33
C GLU B 118 -10.18 -6.25 8.24
N GLY B 119 -9.69 -5.40 9.13
CA GLY B 119 -8.25 -5.13 9.26
C GLY B 119 -7.81 -3.84 8.63
N SER B 120 -8.76 -3.14 8.04
CA SER B 120 -8.63 -1.76 7.58
C SER B 120 -7.62 -0.96 8.41
N LEU B 121 -7.91 -0.83 9.70
CA LEU B 121 -7.13 0.00 10.60
C LEU B 121 -5.65 -0.40 10.74
N GLN B 122 -5.36 -1.70 10.86
CA GLN B 122 -4.00 -2.14 11.13
C GLN B 122 -3.10 -2.04 9.88
N ALA B 123 -3.72 -2.26 8.74
CA ALA B 123 -3.00 -2.25 7.49
C ALA B 123 -2.64 -0.80 7.15
N LEU B 124 -3.58 0.08 7.41
CA LEU B 124 -3.34 1.50 7.23
C LEU B 124 -2.17 1.99 8.12
N PHE B 125 -2.17 1.61 9.40
CA PHE B 125 -1.13 1.98 10.30
C PHE B 125 0.15 1.37 9.79
N GLN B 126 0.05 0.15 9.33
CA GLN B 126 1.22 -0.64 9.12
C GLN B 126 1.88 -0.11 7.86
N HIS B 127 1.13 0.52 6.96
CA HIS B 127 1.68 1.01 5.70
C HIS B 127 1.74 2.52 5.60
N GLY B 128 1.83 3.21 6.73
CA GLY B 128 2.05 4.64 6.74
C GLY B 128 0.90 5.42 6.15
N GLY B 129 -0.33 4.96 6.41
CA GLY B 129 -1.54 5.57 5.84
C GLY B 129 -1.61 5.58 4.31
N ASP B 130 -0.84 4.72 3.62
CA ASP B 130 -0.89 4.60 2.16
C ASP B 130 -1.97 3.61 1.79
N VAL B 131 -3.03 4.10 1.17
CA VAL B 131 -4.20 3.30 0.81
C VAL B 131 -3.86 2.15 -0.17
N SER B 132 -3.14 2.45 -1.24
CA SER B 132 -2.82 1.44 -2.23
C SER B 132 -2.13 0.29 -1.59
N ARG B 133 -1.21 0.63 -0.70
CA ARG B 133 -0.35 -0.37 -0.16
C ARG B 133 -1.12 -1.15 0.92
N ALA B 134 -2.01 -0.46 1.66
CA ALA B 134 -2.87 -1.13 2.60
C ALA B 134 -3.74 -2.12 1.85
N LEU B 135 -4.30 -1.65 0.74
CA LEU B 135 -5.25 -2.40 -0.04
C LEU B 135 -4.62 -3.66 -0.57
N THR B 136 -3.42 -3.51 -1.12
CA THR B 136 -2.67 -4.61 -1.66
C THR B 136 -2.43 -5.62 -0.55
N GLU B 137 -2.13 -5.11 0.64
CA GLU B 137 -1.69 -6.00 1.68
C GLU B 137 -2.91 -6.81 2.02
N LEU B 138 -4.01 -6.10 2.22
CA LEU B 138 -5.26 -6.68 2.58
C LEU B 138 -5.77 -7.69 1.53
N GLN B 139 -5.61 -7.36 0.26
CA GLN B 139 -6.06 -8.25 -0.79
C GLN B 139 -5.17 -9.45 -0.86
N ARG B 140 -3.88 -9.23 -0.59
CA ARG B 140 -2.88 -10.30 -0.54
C ARG B 140 -3.10 -11.33 0.61
N GLN B 141 -3.61 -10.88 1.75
CA GLN B 141 -3.91 -11.83 2.82
C GLN B 141 -5.01 -12.80 2.37
N ARG B 142 -6.03 -12.27 1.73
CA ARG B 142 -7.14 -13.09 1.25
C ARG B 142 -6.87 -13.95 -0.03
N LEU B 143 -5.94 -13.49 -0.88
CA LEU B 143 -5.52 -14.23 -2.08
C LEU B 143 -4.51 -15.30 -1.80
N GLU B 144 -4.16 -15.46 -0.52
CA GLU B 144 -3.08 -16.35 -0.17
C GLU B 144 -3.37 -17.79 -0.47
N PRO B 145 -4.62 -18.26 -0.24
CA PRO B 145 -4.89 -19.64 -0.64
C PRO B 145 -4.56 -19.90 -2.12
N PHE B 146 -4.82 -18.90 -2.96
CA PHE B 146 -4.64 -19.04 -4.41
C PHE B 146 -3.16 -19.10 -4.72
N ARG B 147 -2.42 -18.18 -4.12
CA ARG B 147 -0.98 -18.20 -4.16
C ARG B 147 -0.46 -19.60 -3.76
N GLN B 148 -0.87 -20.11 -2.59
CA GLN B 148 -0.43 -21.43 -2.17
C GLN B 148 -0.71 -22.58 -3.13
N ARG B 149 -1.91 -22.58 -3.73
CA ARG B 149 -2.29 -23.57 -4.75
C ARG B 149 -1.42 -23.63 -6.02
N LEU B 150 -0.76 -22.54 -6.35
CA LEU B 150 0.13 -22.49 -7.50
C LEU B 150 1.21 -23.52 -7.36
N TRP B 151 1.61 -23.77 -6.11
CA TRP B 151 2.72 -24.67 -5.78
C TRP B 151 2.28 -26.03 -5.20
N ASP B 152 1.00 -26.14 -4.81
CA ASP B 152 0.42 -27.37 -4.20
C ASP B 152 0.61 -28.72 -4.92
N SER B 153 -0.30 -29.02 -5.87
CA SER B 153 -0.53 -30.40 -6.35
C SER B 153 0.69 -31.10 -7.01
#